data_4RL9
#
_entry.id   4RL9
#
_cell.length_a   145.774
_cell.length_b   63.260
_cell.length_c   73.668
_cell.angle_alpha   90.00
_cell.angle_beta   119.70
_cell.angle_gamma   90.00
#
_symmetry.space_group_name_H-M   'C 1 2 1'
#
_entity_poly.entity_id   1
_entity_poly.type   'polypeptide(L)'
_entity_poly.pdbx_seq_one_letter_code
;MKHHHHHHPMSDYDIPTTENLYFQGAMDEAVVHDSYAFDKNQLIPVGARAEVGTTGYGGALLWQANPYVGLALGYNGGDI
SWTDDVSVNGTKYDLDMDNNNVYLNAEIRPWGASTNPWAQGLYIAAGAAYLDNDYDLAKRIGNGDTLSIDGKNYQQAVPG
QEGGVRGKMSYKNDIAPYLGFGFAPKISKNWGVFGEVGAYYTGNPKVELTQYNLAPVTGNPTSAQDAVDKEANEIRNDNK
YEWMPVGKVGVNFYW
;
_entity_poly.pdbx_strand_id   A,B
#
# COMPACT_ATOMS: atom_id res chain seq x y z
N ILE A 44 -19.90 -25.93 2.90
CA ILE A 44 -20.27 -24.51 3.27
C ILE A 44 -19.11 -23.54 3.44
N PRO A 45 -19.20 -22.41 2.73
CA PRO A 45 -18.07 -21.56 2.63
C PRO A 45 -17.80 -20.75 3.88
N VAL A 46 -16.55 -20.35 4.00
CA VAL A 46 -15.99 -19.73 5.17
C VAL A 46 -15.98 -18.19 4.99
N GLY A 47 -16.23 -17.72 3.77
CA GLY A 47 -16.22 -16.27 3.52
C GLY A 47 -16.28 -15.92 2.03
N ALA A 48 -15.89 -14.69 1.70
CA ALA A 48 -15.91 -14.27 0.28
C ALA A 48 -15.01 -13.05 0.07
N ARG A 49 -14.58 -12.82 -1.16
CA ARG A 49 -13.76 -11.67 -1.40
C ARG A 49 -14.17 -10.85 -2.61
N ALA A 50 -13.83 -9.57 -2.57
CA ALA A 50 -13.94 -8.70 -3.73
C ALA A 50 -12.56 -8.45 -4.27
N GLU A 51 -12.46 -8.31 -5.59
CA GLU A 51 -11.15 -8.19 -6.22
C GLU A 51 -11.21 -7.39 -7.51
N VAL A 52 -10.10 -6.74 -7.81
CA VAL A 52 -9.93 -6.02 -9.05
C VAL A 52 -8.54 -6.36 -9.56
N GLY A 53 -8.39 -6.45 -10.87
CA GLY A 53 -7.10 -6.73 -11.46
C GLY A 53 -7.10 -6.82 -12.97
N THR A 54 -6.09 -7.50 -13.52
CA THR A 54 -5.82 -7.42 -14.95
C THR A 54 -6.74 -8.29 -15.79
N THR A 55 -7.45 -9.21 -15.15
CA THR A 55 -8.50 -9.99 -15.82
C THR A 55 -9.89 -9.46 -15.41
N GLY A 56 -9.98 -8.22 -14.91
CA GLY A 56 -11.26 -7.64 -14.58
C GLY A 56 -11.49 -7.50 -13.12
N TYR A 57 -12.73 -7.30 -12.73
CA TYR A 57 -13.11 -7.23 -11.32
C TYR A 57 -14.33 -8.14 -11.01
N GLY A 58 -14.49 -8.46 -9.75
CA GLY A 58 -15.58 -9.27 -9.32
C GLY A 58 -15.22 -9.82 -7.98
N GLY A 59 -15.11 -11.14 -7.85
CA GLY A 59 -15.01 -11.70 -6.51
C GLY A 59 -15.17 -13.19 -6.51
N ALA A 60 -15.09 -13.77 -5.32
CA ALA A 60 -15.01 -15.21 -5.20
C ALA A 60 -15.65 -15.69 -3.94
N LEU A 61 -16.22 -16.91 -3.99
CA LEU A 61 -16.53 -17.65 -2.74
C LEU A 61 -15.35 -18.52 -2.31
N LEU A 62 -15.21 -18.68 -0.99
CA LEU A 62 -14.03 -19.27 -0.37
C LEU A 62 -14.40 -20.37 0.63
N TRP A 63 -13.82 -21.54 0.45
CA TRP A 63 -13.97 -22.65 1.40
C TRP A 63 -12.63 -22.91 1.99
N GLN A 64 -12.61 -23.40 3.22
CA GLN A 64 -11.39 -23.81 3.91
C GLN A 64 -11.61 -25.25 4.45
N ALA A 65 -11.12 -26.27 3.74
CA ALA A 65 -11.12 -27.66 4.25
C ALA A 65 -10.31 -27.80 5.51
N ASN A 66 -9.13 -27.16 5.54
CA ASN A 66 -8.31 -27.08 6.77
C ASN A 66 -7.37 -25.89 6.64
N PRO A 67 -6.65 -25.53 7.71
CA PRO A 67 -5.82 -24.31 7.65
C PRO A 67 -4.86 -24.23 6.47
N TYR A 68 -4.50 -25.36 5.87
CA TYR A 68 -3.57 -25.39 4.72
C TYR A 68 -4.20 -25.41 3.36
N VAL A 69 -5.47 -25.82 3.28
CA VAL A 69 -6.07 -26.13 1.98
C VAL A 69 -7.45 -25.53 1.88
N GLY A 70 -7.65 -24.79 0.82
CA GLY A 70 -8.92 -24.06 0.59
C GLY A 70 -9.24 -23.90 -0.88
N LEU A 71 -10.40 -23.34 -1.15
CA LEU A 71 -10.85 -23.24 -2.54
C LEU A 71 -11.41 -21.85 -2.80
N ALA A 72 -11.23 -21.34 -4.01
CA ALA A 72 -11.84 -20.08 -4.43
C ALA A 72 -12.54 -20.27 -5.76
N LEU A 73 -13.86 -20.10 -5.77
CA LEU A 73 -14.64 -20.08 -7.02
C LEU A 73 -15.07 -18.64 -7.33
N GLY A 74 -14.62 -18.12 -8.45
CA GLY A 74 -14.77 -16.69 -8.66
C GLY A 74 -15.20 -16.28 -10.04
N TYR A 75 -15.64 -15.04 -10.13
CA TYR A 75 -15.93 -14.41 -11.41
C TYR A 75 -15.13 -13.12 -11.50
N ASN A 76 -14.57 -12.87 -12.67
CA ASN A 76 -13.90 -11.63 -12.99
C ASN A 76 -14.50 -11.12 -14.29
N GLY A 77 -14.98 -9.89 -14.29
CA GLY A 77 -15.47 -9.35 -15.56
C GLY A 77 -15.28 -7.87 -15.67
N GLY A 78 -15.69 -7.30 -16.81
CA GLY A 78 -15.80 -5.87 -16.96
C GLY A 78 -15.59 -5.45 -18.37
N ASP A 79 -15.85 -4.18 -18.65
CA ASP A 79 -15.53 -3.60 -19.94
C ASP A 79 -15.01 -2.17 -19.69
N ILE A 80 -13.74 -2.07 -19.35
CA ILE A 80 -13.16 -0.80 -18.95
C ILE A 80 -12.50 -0.07 -20.15
N SER A 81 -12.56 1.27 -20.15
CA SER A 81 -11.84 2.13 -21.08
C SER A 81 -11.09 3.23 -20.31
N TRP A 82 -9.79 3.42 -20.60
CA TRP A 82 -9.11 4.64 -20.19
C TRP A 82 -8.73 5.42 -21.44
N THR A 83 -9.44 6.51 -21.71
CA THR A 83 -9.09 7.43 -22.80
C THR A 83 -8.24 8.57 -22.26
N ASP A 84 -7.07 8.80 -22.85
CA ASP A 84 -6.15 9.81 -22.35
C ASP A 84 -5.74 10.84 -23.42
N LYS A 92 -4.63 10.81 -27.23
CA LYS A 92 -3.33 10.20 -27.46
C LYS A 92 -3.48 8.67 -27.29
N TYR A 93 -3.75 8.21 -26.07
CA TYR A 93 -3.87 6.77 -25.75
C TYR A 93 -5.28 6.31 -25.40
N ASP A 94 -5.75 5.23 -25.99
CA ASP A 94 -7.01 4.57 -25.57
C ASP A 94 -6.70 3.15 -25.15
N LEU A 95 -7.21 2.74 -24.01
CA LEU A 95 -6.94 1.42 -23.46
C LEU A 95 -8.22 0.74 -23.01
N ASP A 96 -8.48 -0.46 -23.55
CA ASP A 96 -9.72 -1.20 -23.29
C ASP A 96 -9.45 -2.59 -22.80
N MET A 97 -10.38 -3.08 -22.03
CA MET A 97 -10.34 -4.43 -21.54
C MET A 97 -11.77 -4.93 -21.67
N ASP A 98 -11.93 -6.11 -22.21
CA ASP A 98 -13.16 -6.84 -22.06
C ASP A 98 -12.84 -8.17 -21.45
N ASN A 99 -13.39 -8.42 -20.27
CA ASN A 99 -13.06 -9.59 -19.53
C ASN A 99 -14.32 -10.34 -19.20
N ASN A 100 -14.30 -11.66 -19.36
CA ASN A 100 -15.40 -12.47 -18.87
C ASN A 100 -14.93 -13.83 -18.46
N ASN A 101 -14.57 -14.00 -17.21
CA ASN A 101 -14.07 -15.31 -16.81
C ASN A 101 -14.41 -15.80 -15.42
N VAL A 102 -14.43 -17.13 -15.36
CA VAL A 102 -14.81 -17.91 -14.18
C VAL A 102 -13.62 -18.79 -13.83
N TYR A 103 -13.22 -18.78 -12.56
CA TYR A 103 -12.06 -19.57 -12.16
C TYR A 103 -12.37 -20.38 -10.95
N LEU A 104 -11.64 -21.50 -10.81
CA LEU A 104 -11.67 -22.36 -9.62
C LEU A 104 -10.22 -22.73 -9.26
N ASN A 105 -9.73 -22.31 -8.09
CA ASN A 105 -8.37 -22.59 -7.63
C ASN A 105 -8.34 -23.21 -6.26
N ALA A 106 -7.48 -24.20 -6.06
CA ALA A 106 -7.13 -24.63 -4.71
C ALA A 106 -6.12 -23.63 -4.20
N GLU A 107 -6.06 -23.43 -2.89
CA GLU A 107 -5.14 -22.47 -2.27
C GLU A 107 -4.42 -23.20 -1.14
N ILE A 108 -3.09 -23.35 -1.30
CA ILE A 108 -2.23 -24.01 -0.35
C ILE A 108 -1.51 -22.96 0.50
N ARG A 109 -1.89 -22.84 1.77
CA ARG A 109 -1.13 -22.09 2.76
C ARG A 109 -0.15 -23.02 3.50
N PRO A 110 1.12 -23.10 3.04
CA PRO A 110 2.11 -23.95 3.72
C PRO A 110 2.21 -23.71 5.26
N TRP A 111 2.09 -22.47 5.70
CA TRP A 111 2.00 -22.18 7.14
C TRP A 111 0.57 -21.75 7.58
N GLY A 112 -0.44 -22.43 7.07
CA GLY A 112 -1.79 -21.99 7.30
C GLY A 112 -2.28 -21.99 8.74
N ALA A 113 -1.67 -22.83 9.56
CA ALA A 113 -2.00 -22.84 11.00
C ALA A 113 -1.11 -21.89 11.84
N SER A 114 -0.27 -21.04 11.20
CA SER A 114 0.67 -20.24 11.96
C SER A 114 -0.11 -19.20 12.70
N THR A 115 0.44 -18.69 13.78
CA THR A 115 -0.19 -17.61 14.50
C THR A 115 0.62 -16.37 14.23
N ASN A 116 1.48 -16.42 13.21
CA ASN A 116 2.11 -15.24 12.68
C ASN A 116 1.42 -14.94 11.37
N PRO A 117 0.72 -13.81 11.31
CA PRO A 117 -0.15 -13.56 10.16
C PRO A 117 0.57 -13.38 8.86
N TRP A 118 1.81 -12.92 8.93
CA TRP A 118 2.60 -12.80 7.70
C TRP A 118 2.82 -14.18 7.11
N ALA A 119 3.28 -15.12 7.92
CA ALA A 119 3.35 -16.52 7.49
C ALA A 119 2.01 -17.14 7.05
N GLN A 120 0.95 -17.02 7.85
CA GLN A 120 -0.33 -17.71 7.51
C GLN A 120 -1.00 -17.05 6.34
N GLY A 121 -0.64 -15.80 6.12
CA GLY A 121 -1.07 -15.09 4.93
C GLY A 121 -0.65 -15.70 3.61
N LEU A 122 0.52 -16.37 3.55
CA LEU A 122 1.10 -16.79 2.25
C LEU A 122 0.46 -18.03 1.65
N TYR A 123 0.20 -17.99 0.35
CA TYR A 123 -0.34 -19.12 -0.36
C TYR A 123 0.11 -19.31 -1.80
N ILE A 124 0.05 -20.57 -2.24
CA ILE A 124 0.17 -20.94 -3.63
C ILE A 124 -1.23 -21.28 -4.18
N ALA A 125 -1.49 -20.92 -5.42
CA ALA A 125 -2.79 -21.12 -6.02
C ALA A 125 -2.64 -21.90 -7.27
N ALA A 126 -3.42 -22.98 -7.37
CA ALA A 126 -3.40 -23.85 -8.54
C ALA A 126 -4.84 -24.25 -8.86
N GLY A 127 -5.20 -24.12 -10.13
CA GLY A 127 -6.56 -24.41 -10.57
C GLY A 127 -6.71 -24.21 -12.04
N ALA A 128 -7.94 -24.01 -12.48
CA ALA A 128 -8.20 -23.73 -13.90
C ALA A 128 -9.30 -22.67 -14.06
N ALA A 129 -9.41 -22.12 -15.26
CA ALA A 129 -10.43 -21.11 -15.52
C ALA A 129 -10.93 -21.15 -16.97
N TYR A 130 -12.21 -20.84 -17.15
CA TYR A 130 -12.72 -20.44 -18.46
C TYR A 130 -12.30 -18.96 -18.65
N LEU A 131 -11.66 -18.63 -19.75
CA LEU A 131 -11.01 -17.34 -19.94
C LEU A 131 -11.51 -16.74 -21.19
N ASP A 132 -11.83 -15.45 -21.11
CA ASP A 132 -12.13 -14.66 -22.29
C ASP A 132 -11.74 -13.25 -21.93
N ASN A 133 -10.68 -12.76 -22.56
CA ASN A 133 -10.19 -11.42 -22.30
C ASN A 133 -9.70 -10.81 -23.53
N ASP A 134 -10.20 -9.62 -23.85
CA ASP A 134 -9.62 -8.79 -24.92
C ASP A 134 -8.93 -7.56 -24.35
N TYR A 135 -7.76 -7.26 -24.88
CA TYR A 135 -6.99 -6.06 -24.50
C TYR A 135 -6.74 -5.22 -25.73
N ASP A 136 -7.15 -3.97 -25.69
CA ASP A 136 -6.95 -3.05 -26.82
C ASP A 136 -6.12 -1.87 -26.42
N LEU A 137 -5.22 -1.48 -27.30
CA LEU A 137 -4.46 -0.27 -27.10
C LEU A 137 -4.51 0.47 -28.41
N ALA A 138 -4.78 1.76 -28.35
CA ALA A 138 -4.76 2.58 -29.56
C ALA A 138 -4.00 3.88 -29.24
N LYS A 139 -3.00 4.18 -30.06
CA LYS A 139 -2.32 5.44 -29.98
C LYS A 139 -2.69 6.24 -31.21
N ARG A 140 -3.10 7.48 -31.03
CA ARG A 140 -3.34 8.36 -32.17
C ARG A 140 -2.50 9.61 -32.05
N ILE A 141 -2.03 10.11 -33.17
CA ILE A 141 -1.25 11.32 -33.16
C ILE A 141 -1.84 12.33 -34.13
N GLY A 142 -1.86 13.59 -33.70
CA GLY A 142 -2.25 14.73 -34.54
C GLY A 142 -1.02 15.44 -35.09
N ASN A 143 -1.21 16.66 -35.58
CA ASN A 143 -0.12 17.39 -36.22
C ASN A 143 1.09 17.62 -35.31
N GLY A 144 2.25 17.20 -35.82
CA GLY A 144 3.50 17.42 -35.13
C GLY A 144 3.82 16.41 -34.05
N ASP A 145 2.97 15.42 -33.84
CA ASP A 145 3.17 14.49 -32.75
C ASP A 145 3.90 13.25 -33.20
N THR A 146 4.36 12.48 -32.23
CA THR A 146 5.14 11.27 -32.49
C THR A 146 4.62 10.12 -31.62
N LEU A 147 4.85 8.89 -32.06
CA LEU A 147 4.45 7.72 -31.31
C LEU A 147 5.43 6.58 -31.58
N SER A 148 5.44 5.56 -30.73
CA SER A 148 6.44 4.53 -30.86
C SER A 148 5.87 3.13 -30.97
N ILE A 149 6.61 2.25 -31.64
CA ILE A 149 6.20 0.87 -31.86
C ILE A 149 7.44 0.04 -31.63
N ASP A 150 7.37 -0.90 -30.71
CA ASP A 150 8.42 -1.89 -30.61
C ASP A 150 9.73 -1.15 -30.38
N GLY A 151 9.69 -0.07 -29.60
CA GLY A 151 10.89 0.72 -29.27
C GLY A 151 11.31 1.79 -30.26
N LYS A 152 10.57 1.95 -31.37
CA LYS A 152 11.00 2.85 -32.45
C LYS A 152 9.92 3.89 -32.68
N ASN A 153 10.30 5.02 -33.28
CA ASN A 153 9.43 6.20 -33.34
C ASN A 153 8.87 6.47 -34.71
N TYR A 154 7.67 7.04 -34.76
CA TYR A 154 6.95 7.30 -36.01
C TYR A 154 6.25 8.62 -35.90
N GLN A 155 5.97 9.20 -37.05
CA GLN A 155 5.29 10.47 -37.17
C GLN A 155 4.32 10.31 -38.31
N GLN A 156 3.51 11.33 -38.54
CA GLN A 156 2.51 11.31 -39.61
C GLN A 156 3.18 11.02 -40.90
N ALA A 157 2.52 10.26 -41.76
CA ALA A 157 3.00 10.04 -43.12
C ALA A 157 2.61 11.22 -43.98
N VAL A 158 1.38 11.72 -43.82
CA VAL A 158 0.97 12.95 -44.49
C VAL A 158 0.25 13.84 -43.47
N PRO A 159 0.59 15.13 -43.45
CA PRO A 159 0.11 16.02 -42.40
C PRO A 159 -1.41 16.30 -42.34
N GLY A 160 -2.18 15.83 -43.30
CA GLY A 160 -3.61 16.06 -43.20
C GLY A 160 -4.29 15.31 -42.07
N GLN A 161 -4.17 14.00 -42.12
CA GLN A 161 -5.04 13.12 -41.39
C GLN A 161 -4.26 12.73 -40.17
N GLU A 162 -4.97 12.35 -39.13
CA GLU A 162 -4.36 11.73 -37.97
C GLU A 162 -3.64 10.44 -38.38
N GLY A 163 -2.70 10.01 -37.55
CA GLY A 163 -1.98 8.75 -37.76
C GLY A 163 -2.11 7.97 -36.49
N GLY A 164 -1.78 6.69 -36.50
CA GLY A 164 -1.98 5.90 -35.29
C GLY A 164 -1.62 4.44 -35.40
N VAL A 165 -1.80 3.76 -34.27
CA VAL A 165 -1.61 2.33 -34.17
C VAL A 165 -2.74 1.80 -33.33
N ARG A 166 -3.24 0.65 -33.73
CA ARG A 166 -4.31 0.03 -32.97
C ARG A 166 -3.95 -1.43 -32.88
N GLY A 167 -3.94 -1.95 -31.66
CA GLY A 167 -3.60 -3.35 -31.43
C GLY A 167 -4.63 -4.04 -30.56
N LYS A 168 -4.88 -5.33 -30.83
CA LYS A 168 -5.71 -6.17 -29.96
C LYS A 168 -5.03 -7.47 -29.62
N MET A 169 -5.14 -7.87 -28.37
CA MET A 169 -4.75 -9.22 -27.94
C MET A 169 -5.92 -9.92 -27.30
N SER A 170 -6.16 -11.16 -27.74
CA SER A 170 -7.29 -11.92 -27.24
C SER A 170 -6.85 -13.26 -26.69
N TYR A 171 -7.28 -13.53 -25.47
CA TYR A 171 -7.16 -14.85 -24.85
C TYR A 171 -8.55 -15.46 -24.65
N LYS A 172 -8.84 -16.52 -25.39
CA LYS A 172 -10.12 -17.24 -25.28
C LYS A 172 -9.75 -18.71 -25.05
N ASN A 173 -10.00 -19.25 -23.86
CA ASN A 173 -9.71 -20.68 -23.57
C ASN A 173 -10.83 -21.29 -22.76
N ASP A 174 -11.34 -22.44 -23.18
CA ASP A 174 -12.36 -23.12 -22.38
C ASP A 174 -11.84 -23.58 -21.04
N ILE A 175 -10.61 -24.11 -21.01
CA ILE A 175 -9.90 -24.40 -19.77
C ILE A 175 -8.47 -23.96 -19.96
N ALA A 176 -7.96 -23.19 -19.02
CA ALA A 176 -6.57 -22.87 -19.01
C ALA A 176 -6.11 -23.10 -17.59
N PRO A 177 -5.08 -23.94 -17.40
CA PRO A 177 -4.60 -24.15 -16.05
C PRO A 177 -4.01 -22.85 -15.52
N TYR A 178 -3.96 -22.70 -14.20
CA TYR A 178 -3.50 -21.46 -13.54
C TYR A 178 -2.44 -21.78 -12.47
N LEU A 179 -1.41 -20.94 -12.37
CA LEU A 179 -0.47 -21.04 -11.23
C LEU A 179 -0.21 -19.68 -10.67
N GLY A 180 -0.34 -19.53 -9.37
CA GLY A 180 -0.18 -18.21 -8.76
C GLY A 180 0.38 -18.24 -7.37
N PHE A 181 0.70 -17.06 -6.86
CA PHE A 181 1.27 -16.89 -5.53
C PHE A 181 0.62 -15.67 -4.94
N GLY A 182 0.14 -15.80 -3.74
CA GLY A 182 -0.58 -14.72 -3.15
C GLY A 182 -0.13 -14.45 -1.76
N PHE A 183 -0.51 -13.26 -1.31
CA PHE A 183 -0.40 -12.86 0.06
C PHE A 183 -1.77 -12.33 0.52
N ALA A 184 -2.29 -12.91 1.59
CA ALA A 184 -3.64 -12.64 2.08
C ALA A 184 -3.70 -12.66 3.62
N PRO A 185 -3.09 -11.66 4.25
CA PRO A 185 -3.05 -11.67 5.68
C PRO A 185 -4.38 -11.24 6.20
N LYS A 186 -4.79 -11.87 7.28
CA LYS A 186 -5.95 -11.45 7.99
C LYS A 186 -5.58 -10.28 8.87
N ILE A 187 -6.37 -9.21 8.75
CA ILE A 187 -6.32 -8.07 9.66
C ILE A 187 -7.09 -8.42 10.91
N SER A 188 -8.21 -9.11 10.76
CA SER A 188 -8.93 -9.73 11.89
C SER A 188 -9.51 -11.05 11.42
N LYS A 189 -10.34 -11.65 12.25
CA LYS A 189 -11.11 -12.82 11.83
C LYS A 189 -11.96 -12.49 10.63
N ASN A 190 -12.67 -11.37 10.68
CA ASN A 190 -13.68 -11.05 9.66
C ASN A 190 -13.18 -10.45 8.40
N TRP A 191 -12.12 -9.67 8.49
CA TRP A 191 -11.64 -8.94 7.32
C TRP A 191 -10.21 -9.35 7.05
N GLY A 192 -9.86 -9.30 5.76
CA GLY A 192 -8.47 -9.36 5.33
C GLY A 192 -8.29 -8.62 4.02
N VAL A 193 -7.06 -8.37 3.62
CA VAL A 193 -6.79 -7.89 2.26
C VAL A 193 -5.83 -8.86 1.62
N PHE A 194 -5.74 -8.83 0.29
CA PHE A 194 -4.87 -9.77 -0.37
C PHE A 194 -4.34 -9.22 -1.69
N GLY A 195 -3.23 -9.80 -2.15
CA GLY A 195 -2.69 -9.49 -3.46
C GLY A 195 -2.28 -10.84 -3.99
N GLU A 196 -2.44 -11.04 -5.29
CA GLU A 196 -2.13 -12.30 -5.89
C GLU A 196 -1.49 -12.07 -7.23
N VAL A 197 -0.54 -12.91 -7.58
CA VAL A 197 0.16 -12.76 -8.82
C VAL A 197 0.38 -14.16 -9.35
N GLY A 198 0.19 -14.32 -10.65
CA GLY A 198 0.35 -15.63 -11.29
C GLY A 198 0.12 -15.61 -12.77
N ALA A 199 -0.16 -16.76 -13.34
CA ALA A 199 -0.32 -16.85 -14.77
C ALA A 199 -1.24 -17.97 -15.22
N TYR A 200 -1.86 -17.78 -16.37
CA TYR A 200 -2.61 -18.86 -17.00
C TYR A 200 -1.82 -19.43 -18.15
N TYR A 201 -1.83 -20.76 -18.33
CA TYR A 201 -1.28 -21.38 -19.54
C TYR A 201 -2.33 -21.40 -20.69
N THR A 202 -2.27 -20.39 -21.55
CA THR A 202 -3.27 -20.17 -22.61
C THR A 202 -2.81 -20.47 -24.02
N GLY A 203 -1.49 -20.54 -24.24
CA GLY A 203 -0.93 -20.59 -25.57
C GLY A 203 -0.85 -19.16 -26.02
N ASN A 204 -0.12 -18.91 -27.11
CA ASN A 204 -0.04 -17.56 -27.67
C ASN A 204 -1.44 -17.05 -27.99
N PRO A 205 -1.69 -15.78 -27.74
CA PRO A 205 -2.99 -15.17 -28.05
C PRO A 205 -3.17 -14.77 -29.51
N LYS A 206 -4.39 -14.45 -29.93
CA LYS A 206 -4.58 -13.74 -31.21
C LYS A 206 -4.15 -12.29 -31.08
N VAL A 207 -3.52 -11.78 -32.14
CA VAL A 207 -3.03 -10.43 -32.20
C VAL A 207 -3.48 -9.78 -33.49
N GLU A 208 -4.10 -8.61 -33.37
CA GLU A 208 -4.15 -7.66 -34.47
C GLU A 208 -3.28 -6.48 -34.12
N LEU A 209 -2.53 -6.03 -35.11
CA LEU A 209 -1.70 -4.87 -34.95
C LEU A 209 -1.74 -4.13 -36.27
N THR A 210 -2.38 -2.97 -36.32
CA THR A 210 -2.40 -2.20 -37.54
C THR A 210 -1.88 -0.81 -37.26
N GLN A 211 -1.55 -0.09 -38.34
CA GLN A 211 -1.18 1.29 -38.29
C GLN A 211 -1.74 2.11 -39.46
N TYR A 212 -1.97 3.38 -39.21
CA TYR A 212 -2.64 4.32 -40.11
C TYR A 212 -1.71 5.55 -40.32
N ASN A 213 -1.28 5.86 -41.54
CA ASN A 213 -0.68 7.18 -41.82
C ASN A 213 0.57 7.48 -40.96
N LEU A 214 1.55 6.57 -41.06
CA LEU A 214 2.75 6.67 -40.24
C LEU A 214 4.00 6.52 -41.06
N ALA A 215 4.98 7.35 -40.75
CA ALA A 215 6.29 7.21 -41.35
C ALA A 215 7.33 7.24 -40.25
N PRO A 216 8.47 6.57 -40.47
CA PRO A 216 9.56 6.61 -39.48
C PRO A 216 10.02 8.03 -39.25
N VAL A 217 10.53 8.36 -38.07
CA VAL A 217 11.22 9.65 -37.93
C VAL A 217 12.62 9.40 -38.49
N THR A 218 13.33 10.45 -38.87
CA THR A 218 14.53 10.26 -39.70
C THR A 218 15.55 9.49 -38.85
N GLY A 219 16.31 8.59 -39.47
CA GLY A 219 17.23 7.70 -38.74
C GLY A 219 16.62 6.40 -38.21
N ASN A 220 15.31 6.21 -38.41
CA ASN A 220 14.69 4.94 -38.18
C ASN A 220 14.54 4.32 -39.53
N PRO A 221 15.29 3.23 -39.80
CA PRO A 221 15.15 2.56 -41.11
C PRO A 221 13.81 1.80 -41.30
N THR A 222 13.19 1.34 -40.21
CA THR A 222 12.01 0.44 -40.28
C THR A 222 10.68 1.15 -40.48
N SER A 223 9.92 0.74 -41.48
CA SER A 223 8.61 1.37 -41.74
C SER A 223 7.58 0.94 -40.70
N ALA A 224 6.48 1.67 -40.64
CA ALA A 224 5.42 1.32 -39.71
C ALA A 224 5.00 -0.11 -39.92
N GLN A 225 4.81 -0.54 -41.17
CA GLN A 225 4.33 -1.92 -41.42
C GLN A 225 5.26 -2.98 -40.89
N ASP A 226 6.57 -2.82 -41.07
CA ASP A 226 7.50 -3.86 -40.62
C ASP A 226 7.59 -3.91 -39.12
N ALA A 227 7.43 -2.76 -38.51
CA ALA A 227 7.51 -2.66 -37.07
C ALA A 227 6.33 -3.39 -36.44
N VAL A 228 5.14 -3.21 -37.00
CA VAL A 228 3.96 -3.91 -36.51
C VAL A 228 3.99 -5.39 -36.87
N ASP A 229 4.45 -5.74 -38.05
CA ASP A 229 4.58 -7.16 -38.38
C ASP A 229 5.53 -7.88 -37.47
N LYS A 230 6.68 -7.29 -37.19
CA LYS A 230 7.63 -7.96 -36.31
C LYS A 230 7.08 -8.11 -34.92
N GLU A 231 6.44 -7.05 -34.40
CA GLU A 231 5.96 -7.08 -33.01
C GLU A 231 4.82 -8.10 -32.81
N ALA A 232 3.87 -8.09 -33.74
CA ALA A 232 2.80 -9.10 -33.80
C ALA A 232 3.35 -10.53 -33.79
N ASN A 233 4.25 -10.84 -34.72
CA ASN A 233 4.80 -12.20 -34.84
C ASN A 233 5.48 -12.72 -33.58
N GLU A 234 6.24 -11.84 -32.95
CA GLU A 234 6.83 -12.18 -31.66
C GLU A 234 5.71 -12.66 -30.73
N ILE A 235 4.64 -11.88 -30.61
CA ILE A 235 3.55 -12.26 -29.73
C ILE A 235 2.81 -13.54 -30.14
N ARG A 236 2.71 -13.82 -31.44
CA ARG A 236 2.09 -15.08 -31.88
C ARG A 236 2.96 -16.32 -31.72
N ASN A 237 4.27 -16.18 -31.86
CA ASN A 237 5.14 -17.35 -32.00
C ASN A 237 6.05 -17.59 -30.82
N ASP A 238 6.66 -16.53 -30.31
CA ASP A 238 7.57 -16.62 -29.18
C ASP A 238 6.85 -17.29 -28.02
N ASN A 239 7.51 -18.20 -27.32
CA ASN A 239 6.80 -19.06 -26.39
C ASN A 239 6.72 -18.52 -24.99
N LYS A 240 7.41 -17.42 -24.70
CA LYS A 240 7.16 -16.75 -23.42
C LYS A 240 5.71 -16.30 -23.39
N TYR A 241 5.13 -16.02 -24.56
CA TYR A 241 3.74 -15.59 -24.65
C TYR A 241 2.70 -16.69 -24.60
N GLU A 242 3.05 -17.88 -24.13
CA GLU A 242 2.05 -18.95 -24.01
C GLU A 242 1.40 -18.93 -22.65
N TRP A 243 1.88 -17.99 -21.83
CA TRP A 243 1.34 -17.75 -20.51
C TRP A 243 0.78 -16.33 -20.42
N MET A 244 -0.41 -16.18 -19.85
CA MET A 244 -1.00 -14.86 -19.63
C MET A 244 -0.81 -14.48 -18.18
N PRO A 245 0.08 -13.49 -17.90
CA PRO A 245 0.44 -13.14 -16.49
C PRO A 245 -0.68 -12.30 -15.95
N VAL A 246 -0.90 -12.31 -14.64
CA VAL A 246 -2.04 -11.62 -14.06
C VAL A 246 -1.73 -11.14 -12.69
N GLY A 247 -2.37 -10.05 -12.29
CA GLY A 247 -2.28 -9.57 -10.92
C GLY A 247 -3.62 -9.01 -10.47
N LYS A 248 -3.89 -9.16 -9.19
CA LYS A 248 -5.11 -8.61 -8.66
C LYS A 248 -4.91 -8.31 -7.19
N VAL A 249 -5.80 -7.50 -6.66
CA VAL A 249 -5.80 -7.17 -5.25
C VAL A 249 -7.24 -6.98 -4.80
N GLY A 250 -7.50 -7.12 -3.51
CA GLY A 250 -8.86 -7.04 -3.05
C GLY A 250 -9.00 -7.25 -1.57
N VAL A 251 -10.24 -7.51 -1.15
CA VAL A 251 -10.53 -7.67 0.29
C VAL A 251 -11.30 -8.94 0.57
N ASN A 252 -10.93 -9.62 1.66
CA ASN A 252 -11.58 -10.85 2.10
C ASN A 252 -12.46 -10.52 3.29
N PHE A 253 -13.68 -11.06 3.30
CA PHE A 253 -14.58 -10.96 4.44
C PHE A 253 -14.87 -12.37 4.83
N TYR A 254 -15.01 -12.65 6.12
CA TYR A 254 -15.26 -14.03 6.60
C TYR A 254 -16.43 -14.00 7.55
N TRP A 255 -17.50 -14.69 7.24
CA TRP A 255 -18.68 -14.55 8.12
C TRP A 255 -18.31 -15.11 9.47
N ILE B 44 16.87 -6.75 -9.13
CA ILE B 44 15.58 -5.97 -8.96
C ILE B 44 15.63 -4.77 -7.91
N PRO B 45 16.54 -4.76 -6.86
CA PRO B 45 16.61 -3.55 -5.99
C PRO B 45 17.20 -2.32 -6.68
N VAL B 46 16.83 -1.12 -6.24
CA VAL B 46 17.32 0.13 -6.84
C VAL B 46 18.08 1.10 -5.88
N GLY B 47 17.99 0.88 -4.57
CA GLY B 47 18.63 1.80 -3.60
C GLY B 47 18.19 1.58 -2.15
N ALA B 48 18.40 2.58 -1.29
CA ALA B 48 18.02 2.44 0.12
C ALA B 48 17.92 3.80 0.81
N ARG B 49 17.19 3.87 1.91
CA ARG B 49 17.02 5.14 2.57
C ARG B 49 17.20 5.10 4.07
N ALA B 50 17.62 6.22 4.63
CA ALA B 50 17.65 6.40 6.08
C ALA B 50 16.49 7.32 6.46
N GLU B 51 15.90 7.07 7.62
CA GLU B 51 14.69 7.81 8.02
C GLU B 51 14.56 7.93 9.51
N VAL B 52 13.89 8.99 9.93
CA VAL B 52 13.59 9.25 11.33
C VAL B 52 12.16 9.78 11.39
N GLY B 53 11.44 9.46 12.46
CA GLY B 53 10.06 9.93 12.62
C GLY B 53 9.37 9.43 13.87
N THR B 54 8.03 9.42 13.83
CA THR B 54 7.23 9.15 15.03
C THR B 54 7.14 7.67 15.41
N THR B 55 7.53 6.78 14.50
CA THR B 55 7.66 5.36 14.80
C THR B 55 9.12 4.95 14.92
N GLY B 56 10.01 5.91 15.16
CA GLY B 56 11.42 5.60 15.37
C GLY B 56 12.32 6.01 14.22
N TYR B 57 13.52 5.43 14.19
CA TYR B 57 14.48 5.67 13.09
C TYR B 57 15.08 4.36 12.57
N GLY B 58 15.57 4.41 11.35
CA GLY B 58 16.17 3.25 10.73
C GLY B 58 16.25 3.49 9.25
N GLY B 59 15.54 2.68 8.46
CA GLY B 59 15.71 2.76 7.03
C GLY B 59 15.02 1.65 6.28
N ALA B 60 15.16 1.65 4.96
CA ALA B 60 14.41 0.77 4.11
C ALA B 60 15.22 0.39 2.87
N LEU B 61 14.99 -0.83 2.37
CA LEU B 61 15.37 -1.17 0.99
C LEU B 61 14.24 -0.88 0.02
N LEU B 62 14.63 -0.50 -1.20
CA LEU B 62 13.72 0.05 -2.19
C LEU B 62 13.86 -0.65 -3.55
N TRP B 63 12.74 -1.13 -4.08
CA TRP B 63 12.68 -1.73 -5.40
C TRP B 63 11.83 -0.81 -6.21
N GLN B 64 12.10 -0.76 -7.50
CA GLN B 64 11.28 -0.02 -8.45
C GLN B 64 10.97 -0.98 -9.62
N ALA B 65 9.79 -1.58 -9.62
CA ALA B 65 9.33 -2.41 -10.74
C ALA B 65 9.23 -1.59 -12.02
N ASN B 66 8.64 -0.40 -11.90
CA ASN B 66 8.59 0.56 -12.99
C ASN B 66 8.40 1.95 -12.39
N PRO B 67 8.51 3.02 -13.22
CA PRO B 67 8.46 4.37 -12.66
C PRO B 67 7.26 4.66 -11.75
N TYR B 68 6.18 3.88 -11.88
CA TYR B 68 4.95 4.09 -11.09
C TYR B 68 4.84 3.23 -9.84
N VAL B 69 5.56 2.11 -9.80
CA VAL B 69 5.30 1.11 -8.79
C VAL B 69 6.60 0.60 -8.21
N GLY B 70 6.67 0.67 -6.88
CA GLY B 70 7.87 0.30 -6.15
C GLY B 70 7.54 -0.25 -4.78
N LEU B 71 8.57 -0.66 -4.07
CA LEU B 71 8.39 -1.29 -2.80
C LEU B 71 9.40 -0.75 -1.81
N ALA B 72 9.00 -0.66 -0.56
CA ALA B 72 9.91 -0.31 0.50
C ALA B 72 9.75 -1.34 1.60
N LEU B 73 10.82 -2.05 1.92
CA LEU B 73 10.86 -2.91 3.10
C LEU B 73 11.76 -2.23 4.12
N GLY B 74 11.19 -1.88 5.28
CA GLY B 74 11.93 -1.07 6.23
C GLY B 74 11.85 -1.49 7.68
N TYR B 75 12.83 -1.01 8.45
CA TYR B 75 12.86 -1.17 9.88
C TYR B 75 12.88 0.22 10.52
N ASN B 76 12.06 0.40 11.56
CA ASN B 76 12.05 1.61 12.38
C ASN B 76 12.18 1.20 13.82
N GLY B 77 13.18 1.73 14.52
CA GLY B 77 13.34 1.36 15.91
C GLY B 77 13.92 2.46 16.75
N GLY B 78 14.07 2.19 18.04
CA GLY B 78 14.80 3.08 18.92
C GLY B 78 14.23 3.13 20.32
N ASP B 79 14.92 3.84 21.21
CA ASP B 79 14.44 4.09 22.55
C ASP B 79 14.83 5.53 22.92
N ILE B 80 14.06 6.50 22.44
CA ILE B 80 14.40 7.92 22.58
C ILE B 80 13.74 8.59 23.81
N SER B 81 14.44 9.58 24.40
CA SER B 81 13.88 10.49 25.43
C SER B 81 14.05 11.97 25.02
N TRP B 82 12.97 12.76 25.07
CA TRP B 82 13.07 14.24 24.96
C TRP B 82 12.63 14.90 26.24
N THR B 83 13.60 15.39 27.01
CA THR B 83 13.32 16.07 28.28
C THR B 83 13.22 17.57 28.00
N ASP B 84 12.39 18.27 28.76
CA ASP B 84 12.38 19.74 28.71
C ASP B 84 12.32 20.35 30.12
N ASP B 85 13.47 20.74 30.66
CA ASP B 85 13.55 21.26 32.03
C ASP B 85 13.38 22.76 31.94
N VAL B 86 12.15 23.21 32.16
CA VAL B 86 11.83 24.62 31.96
C VAL B 86 12.48 25.47 33.04
N SER B 87 11.85 25.58 34.19
CA SER B 87 12.26 26.56 35.17
C SER B 87 13.14 25.93 36.23
N VAL B 88 13.77 26.76 37.06
CA VAL B 88 14.54 26.26 38.19
C VAL B 88 13.58 25.62 39.22
N ASN B 89 12.31 26.04 39.17
CA ASN B 89 11.27 25.52 40.09
C ASN B 89 10.90 24.03 39.90
N GLY B 90 11.32 23.43 38.77
CA GLY B 90 11.18 21.98 38.53
C GLY B 90 10.14 21.52 37.52
N THR B 91 9.57 22.46 36.77
CA THR B 91 8.55 22.14 35.76
C THR B 91 9.21 21.50 34.52
N LYS B 92 8.48 20.61 33.84
CA LYS B 92 9.11 19.63 32.93
C LYS B 92 8.14 18.72 32.10
N TYR B 93 8.34 18.69 30.77
CA TYR B 93 7.74 17.67 29.88
C TYR B 93 8.77 16.59 29.58
N ASP B 94 8.40 15.33 29.75
CA ASP B 94 9.27 14.22 29.37
C ASP B 94 8.56 13.32 28.38
N LEU B 95 9.24 12.95 27.30
CA LEU B 95 8.66 12.13 26.25
C LEU B 95 9.57 10.98 25.90
N ASP B 96 9.07 9.76 26.00
CA ASP B 96 9.83 8.54 25.65
C ASP B 96 9.15 7.81 24.55
N MET B 97 9.94 7.08 23.77
CA MET B 97 9.45 6.25 22.69
C MET B 97 10.24 4.96 22.75
N ASP B 98 9.56 3.84 22.73
CA ASP B 98 10.21 2.57 22.41
C ASP B 98 9.52 2.07 21.16
N ASN B 99 10.28 1.91 20.09
CA ASN B 99 9.73 1.55 18.79
C ASN B 99 10.43 0.34 18.25
N ASN B 100 9.67 -0.58 17.70
CA ASN B 100 10.26 -1.72 17.06
C ASN B 100 9.34 -2.22 16.00
N ASN B 101 9.50 -1.72 14.79
CA ASN B 101 8.67 -2.21 13.72
C ASN B 101 9.30 -2.37 12.36
N VAL B 102 8.65 -3.27 11.63
CA VAL B 102 9.02 -3.70 10.29
C VAL B 102 7.82 -3.41 9.40
N TYR B 103 8.05 -2.72 8.28
CA TYR B 103 6.95 -2.38 7.37
C TYR B 103 7.30 -2.76 5.93
N LEU B 104 6.25 -3.06 5.16
CA LEU B 104 6.34 -3.37 3.74
C LEU B 104 5.22 -2.60 3.03
N ASN B 105 5.59 -1.63 2.20
CA ASN B 105 4.62 -0.79 1.52
C ASN B 105 4.89 -0.78 0.04
N ALA B 106 3.83 -0.88 -0.75
CA ALA B 106 3.95 -0.57 -2.16
C ALA B 106 3.94 0.95 -2.22
N GLU B 107 4.58 1.51 -3.25
CA GLU B 107 4.64 2.96 -3.41
C GLU B 107 4.21 3.28 -4.84
N ILE B 108 3.09 3.98 -4.96
CA ILE B 108 2.53 4.38 -6.24
C ILE B 108 2.87 5.84 -6.57
N ARG B 109 3.78 6.04 -7.53
CA ARG B 109 4.06 7.34 -8.12
C ARG B 109 3.24 7.55 -9.39
N PRO B 110 2.06 8.22 -9.30
CA PRO B 110 1.31 8.49 -10.54
C PRO B 110 2.11 9.17 -11.66
N TRP B 111 3.14 9.94 -11.28
CA TRP B 111 4.04 10.62 -12.20
C TRP B 111 5.48 10.31 -11.89
N ALA B 119 6.82 16.51 -9.77
CA ALA B 119 5.77 15.54 -10.05
C ALA B 119 6.20 14.08 -9.77
N GLN B 120 7.39 13.67 -10.24
CA GLN B 120 7.81 12.27 -10.06
C GLN B 120 8.11 11.96 -8.60
N GLY B 121 8.42 12.99 -7.82
CA GLY B 121 8.58 12.86 -6.39
C GLY B 121 7.37 12.32 -5.63
N LEU B 122 6.15 12.59 -6.11
CA LEU B 122 4.92 12.33 -5.31
C LEU B 122 4.47 10.89 -5.32
N TYR B 123 4.11 10.35 -4.15
CA TYR B 123 3.62 8.97 -4.04
C TYR B 123 2.55 8.70 -2.96
N ILE B 124 1.77 7.66 -3.23
CA ILE B 124 0.87 7.05 -2.25
C ILE B 124 1.50 5.75 -1.75
N ALA B 125 1.34 5.47 -0.45
CA ALA B 125 1.94 4.29 0.15
C ALA B 125 0.86 3.45 0.81
N ALA B 126 0.83 2.18 0.44
CA ALA B 126 -0.14 1.22 0.98
C ALA B 126 0.60 -0.09 1.24
N GLY B 127 0.38 -0.63 2.43
CA GLY B 127 1.06 -1.85 2.83
C GLY B 127 0.63 -2.27 4.21
N ALA B 128 1.48 -3.02 4.89
CA ALA B 128 1.22 -3.41 6.28
C ALA B 128 2.50 -3.39 7.08
N ALA B 129 2.37 -3.42 8.40
CA ALA B 129 3.54 -3.47 9.26
C ALA B 129 3.30 -4.26 10.54
N TYR B 130 4.34 -4.96 11.01
CA TYR B 130 4.41 -5.43 12.40
C TYR B 130 4.76 -4.19 13.22
N LEU B 131 3.97 -3.88 14.24
CA LEU B 131 4.06 -2.63 14.99
C LEU B 131 4.27 -2.93 16.45
N ASP B 132 5.20 -2.23 17.06
CA ASP B 132 5.35 -2.24 18.51
C ASP B 132 5.91 -0.88 18.89
N ASN B 133 5.09 -0.06 19.53
CA ASN B 133 5.50 1.30 19.89
C ASN B 133 4.92 1.68 21.23
N ASP B 134 5.77 2.07 22.19
CA ASP B 134 5.32 2.64 23.45
C ASP B 134 5.64 4.12 23.47
N TYR B 135 4.67 4.92 23.90
CA TYR B 135 4.85 6.36 24.06
C TYR B 135 4.57 6.68 25.50
N ASP B 136 5.52 7.34 26.15
CA ASP B 136 5.36 7.82 27.53
C ASP B 136 5.42 9.30 27.54
N LEU B 137 4.50 9.93 28.27
CA LEU B 137 4.48 11.38 28.38
C LEU B 137 4.33 11.66 29.83
N ALA B 138 5.14 12.58 30.33
CA ALA B 138 5.03 13.02 31.69
C ALA B 138 5.11 14.53 31.73
N LYS B 139 4.12 15.16 32.36
CA LYS B 139 4.19 16.57 32.71
C LYS B 139 4.35 16.69 34.23
N ARG B 140 5.35 17.42 34.70
CA ARG B 140 5.35 17.82 36.10
C ARG B 140 5.33 19.35 36.23
N ILE B 141 4.63 19.83 37.24
CA ILE B 141 4.55 21.26 37.49
C ILE B 141 5.09 21.56 38.87
N GLY B 142 5.82 22.67 38.94
CA GLY B 142 6.33 23.18 40.20
C GLY B 142 5.48 24.32 40.68
N ASN B 143 5.99 25.07 41.65
CA ASN B 143 5.22 26.11 42.30
C ASN B 143 4.70 27.20 41.33
N GLY B 144 3.40 27.41 41.37
CA GLY B 144 2.76 28.43 40.59
C GLY B 144 2.51 28.06 39.15
N ASP B 145 2.75 26.81 38.76
CA ASP B 145 2.55 26.40 37.38
C ASP B 145 1.25 25.68 37.21
N THR B 146 0.89 25.47 35.95
CA THR B 146 -0.39 24.88 35.58
C THR B 146 -0.15 23.87 34.46
N LEU B 147 -1.04 22.91 34.33
CA LEU B 147 -0.92 21.90 33.26
C LEU B 147 -2.30 21.48 32.84
N SER B 148 -2.42 20.83 31.70
CA SER B 148 -3.76 20.47 31.23
C SER B 148 -3.94 18.98 30.94
N ILE B 149 -5.21 18.56 31.04
CA ILE B 149 -5.61 17.22 30.76
C ILE B 149 -6.90 17.28 29.99
N ASP B 150 -6.95 16.67 28.82
CA ASP B 150 -8.20 16.49 28.13
C ASP B 150 -8.86 17.85 27.93
N GLY B 151 -8.06 18.87 27.64
CA GLY B 151 -8.56 20.23 27.39
C GLY B 151 -8.83 21.10 28.62
N LYS B 152 -8.58 20.58 29.82
CA LYS B 152 -8.88 21.30 31.06
C LYS B 152 -7.59 21.52 31.86
N ASN B 153 -7.60 22.53 32.74
CA ASN B 153 -6.40 22.96 33.45
C ASN B 153 -6.36 22.56 34.90
N TYR B 154 -5.15 22.34 35.40
CA TYR B 154 -4.92 21.88 36.79
C TYR B 154 -3.71 22.60 37.34
N GLN B 155 -3.66 22.66 38.66
CA GLN B 155 -2.62 23.31 39.40
C GLN B 155 -2.36 22.39 40.57
N GLN B 156 -1.33 22.71 41.35
CA GLN B 156 -0.96 21.92 42.49
C GLN B 156 -2.15 21.76 43.43
N ALA B 157 -2.27 20.60 44.06
CA ALA B 157 -3.30 20.39 45.08
C ALA B 157 -2.79 20.93 46.40
N VAL B 158 -1.52 20.73 46.70
CA VAL B 158 -0.88 21.38 47.85
C VAL B 158 0.48 21.94 47.42
N PRO B 159 0.74 23.21 47.78
CA PRO B 159 1.94 23.90 47.29
C PRO B 159 3.15 23.33 47.96
N GLY B 160 4.33 23.65 47.43
CA GLY B 160 5.58 23.19 48.02
C GLY B 160 6.03 21.83 47.53
N GLN B 161 5.11 21.05 46.94
CA GLN B 161 5.39 19.70 46.42
C GLN B 161 4.90 19.57 45.00
N GLU B 162 5.68 18.93 44.14
CA GLU B 162 5.33 18.84 42.72
C GLU B 162 4.02 18.15 42.47
N GLY B 163 3.41 18.47 41.34
CA GLY B 163 2.21 17.78 40.87
C GLY B 163 2.50 17.31 39.45
N GLY B 164 1.66 16.45 38.90
CA GLY B 164 1.92 15.99 37.54
C GLY B 164 0.96 14.97 36.96
N VAL B 165 1.25 14.60 35.71
CA VAL B 165 0.50 13.57 34.99
C VAL B 165 1.48 12.70 34.24
N ARG B 166 1.21 11.42 34.23
CA ARG B 166 2.08 10.49 33.58
C ARG B 166 1.18 9.53 32.80
N GLY B 167 1.45 9.35 31.52
CA GLY B 167 0.63 8.49 30.65
C GLY B 167 1.45 7.55 29.79
N LYS B 168 0.94 6.34 29.52
CA LYS B 168 1.55 5.44 28.53
C LYS B 168 0.54 4.95 27.54
N MET B 169 0.93 4.97 26.27
CA MET B 169 0.14 4.41 25.18
C MET B 169 0.97 3.41 24.43
N SER B 170 0.39 2.24 24.20
CA SER B 170 1.10 1.15 23.55
C SER B 170 0.32 0.66 22.34
N TYR B 171 1.00 0.61 21.19
CA TYR B 171 0.50 -0.01 19.97
C TYR B 171 1.29 -1.24 19.64
N LYS B 172 0.65 -2.40 19.77
CA LYS B 172 1.28 -3.66 19.48
C LYS B 172 0.33 -4.38 18.51
N ASN B 173 0.76 -4.55 17.27
CA ASN B 173 -0.02 -5.30 16.29
C ASN B 173 0.86 -6.20 15.46
N ASP B 174 0.50 -7.45 15.31
CA ASP B 174 1.25 -8.32 14.43
C ASP B 174 1.18 -7.87 12.99
N ILE B 175 0.00 -7.44 12.53
CA ILE B 175 -0.18 -6.82 11.19
C ILE B 175 -1.14 -5.69 11.39
N ALA B 176 -0.78 -4.54 10.87
CA ALA B 176 -1.70 -3.41 10.82
C ALA B 176 -1.57 -2.84 9.42
N PRO B 177 -2.70 -2.70 8.71
CA PRO B 177 -2.63 -2.05 7.38
C PRO B 177 -2.20 -0.59 7.52
N TYR B 178 -1.58 -0.06 6.46
CA TYR B 178 -1.03 1.29 6.45
C TYR B 178 -1.52 2.07 5.24
N LEU B 179 -1.83 3.35 5.43
CA LEU B 179 -2.08 4.24 4.29
C LEU B 179 -1.33 5.54 4.49
N GLY B 180 -0.56 5.95 3.49
CA GLY B 180 0.25 7.16 3.61
C GLY B 180 0.40 7.93 2.32
N PHE B 181 0.98 9.12 2.43
CA PHE B 181 1.23 10.01 1.31
C PHE B 181 2.60 10.63 1.51
N GLY B 182 3.42 10.60 0.48
CA GLY B 182 4.79 11.07 0.61
C GLY B 182 5.23 11.99 -0.52
N PHE B 183 6.34 12.69 -0.25
CA PHE B 183 7.07 13.45 -1.25
C PHE B 183 8.56 13.09 -1.16
N ALA B 184 9.14 12.67 -2.30
CA ALA B 184 10.49 12.08 -2.34
C ALA B 184 11.20 12.47 -3.63
N PRO B 185 11.48 13.76 -3.79
CA PRO B 185 12.13 14.21 -4.99
C PRO B 185 13.59 13.80 -5.00
N LYS B 186 14.08 13.42 -6.17
CA LYS B 186 15.49 13.19 -6.35
C LYS B 186 16.19 14.53 -6.53
N ILE B 187 17.25 14.73 -5.76
CA ILE B 187 18.19 15.83 -5.92
C ILE B 187 19.19 15.48 -7.02
N SER B 188 19.62 14.22 -7.05
CA SER B 188 20.36 13.67 -8.20
C SER B 188 19.93 12.23 -8.43
N LYS B 189 20.65 11.55 -9.32
CA LYS B 189 20.43 10.12 -9.54
C LYS B 189 20.65 9.36 -8.24
N ASN B 190 21.76 9.67 -7.56
CA ASN B 190 22.21 8.91 -6.39
C ASN B 190 21.55 9.29 -5.08
N TRP B 191 21.22 10.56 -4.90
CA TRP B 191 20.73 11.06 -3.61
C TRP B 191 19.32 11.65 -3.80
N GLY B 192 18.51 11.51 -2.76
CA GLY B 192 17.22 12.21 -2.66
C GLY B 192 16.86 12.43 -1.20
N VAL B 193 15.87 13.30 -0.94
CA VAL B 193 15.29 13.40 0.42
C VAL B 193 13.80 13.11 0.30
N PHE B 194 13.16 12.78 1.41
CA PHE B 194 11.74 12.51 1.37
C PHE B 194 11.04 12.82 2.69
N GLY B 195 9.73 13.04 2.60
CA GLY B 195 8.89 13.21 3.78
C GLY B 195 7.65 12.41 3.50
N GLU B 196 7.08 11.80 4.55
CA GLU B 196 5.93 10.93 4.39
C GLU B 196 4.99 11.09 5.56
N VAL B 197 3.69 11.01 5.30
CA VAL B 197 2.67 11.20 6.33
C VAL B 197 1.54 10.25 6.06
N GLY B 198 1.00 9.65 7.11
CA GLY B 198 -0.02 8.59 6.97
C GLY B 198 -0.46 7.96 8.29
N ALA B 199 -1.08 6.79 8.22
CA ALA B 199 -1.64 6.16 9.42
C ALA B 199 -1.71 4.63 9.36
N TYR B 200 -1.61 4.00 10.52
CA TYR B 200 -1.84 2.55 10.63
C TYR B 200 -3.18 2.29 11.26
N TYR B 201 -3.91 1.30 10.75
CA TYR B 201 -5.14 0.83 11.39
C TYR B 201 -4.83 -0.21 12.48
N THR B 202 -4.75 0.25 13.72
CA THR B 202 -4.26 -0.58 14.86
C THR B 202 -5.33 -1.01 15.84
N GLY B 203 -6.49 -0.34 15.81
CA GLY B 203 -7.46 -0.49 16.87
C GLY B 203 -6.99 0.35 18.02
N ASN B 204 -7.85 0.59 19.01
CA ASN B 204 -7.49 1.39 20.18
C ASN B 204 -6.28 0.81 20.89
N PRO B 205 -5.39 1.66 21.37
CA PRO B 205 -4.17 1.22 22.06
C PRO B 205 -4.40 0.92 23.53
N LYS B 206 -3.45 0.29 24.21
CA LYS B 206 -3.48 0.23 25.69
C LYS B 206 -3.05 1.58 26.27
N VAL B 207 -3.70 1.96 27.38
CA VAL B 207 -3.48 3.23 28.03
C VAL B 207 -3.37 3.08 29.53
N GLU B 208 -2.32 3.66 30.10
CA GLU B 208 -2.25 4.00 31.52
C GLU B 208 -2.17 5.52 31.66
N LEU B 209 -2.91 6.07 32.61
CA LEU B 209 -2.96 7.53 32.79
C LEU B 209 -3.11 7.80 34.26
N THR B 210 -2.09 8.39 34.88
CA THR B 210 -2.15 8.72 36.30
C THR B 210 -1.81 10.18 36.51
N GLN B 211 -2.17 10.68 37.70
CA GLN B 211 -1.86 12.05 38.15
C GLN B 211 -1.56 12.10 39.64
N TYR B 212 -0.84 13.13 40.04
CA TYR B 212 -0.62 13.32 41.47
C TYR B 212 -0.58 14.79 41.86
N ASN B 213 -1.18 15.08 42.98
CA ASN B 213 -1.10 16.40 43.60
C ASN B 213 -1.62 17.49 42.64
N LEU B 214 -2.83 17.27 42.15
CA LEU B 214 -3.44 18.16 41.19
C LEU B 214 -4.85 18.53 41.59
N ALA B 215 -5.16 19.82 41.46
CA ALA B 215 -6.52 20.28 41.69
C ALA B 215 -6.91 21.12 40.53
N PRO B 216 -8.22 21.17 40.23
CA PRO B 216 -8.70 22.01 39.13
C PRO B 216 -8.39 23.48 39.38
N VAL B 217 -8.22 24.28 38.34
CA VAL B 217 -8.13 25.72 38.57
C VAL B 217 -9.59 26.12 38.73
N THR B 218 -9.85 27.28 39.35
CA THR B 218 -11.22 27.56 39.77
C THR B 218 -12.09 27.68 38.51
N GLY B 219 -13.34 27.20 38.59
CA GLY B 219 -14.23 27.14 37.42
C GLY B 219 -14.11 25.88 36.55
N ASN B 220 -13.17 25.01 36.88
CA ASN B 220 -13.11 23.71 36.28
C ASN B 220 -13.77 22.81 37.30
N PRO B 221 -14.96 22.27 36.99
CA PRO B 221 -15.61 21.36 37.93
C PRO B 221 -14.92 19.98 38.09
N THR B 222 -14.22 19.51 37.05
CA THR B 222 -13.70 18.14 37.01
C THR B 222 -12.37 17.96 37.72
N SER B 223 -12.31 16.98 38.62
CA SER B 223 -11.08 16.72 39.36
C SER B 223 -10.04 16.05 38.45
N ALA B 224 -8.79 16.04 38.91
CA ALA B 224 -7.73 15.39 38.14
C ALA B 224 -8.12 13.94 37.84
N GLN B 225 -8.61 13.19 38.84
CA GLN B 225 -8.90 11.77 38.62
C GLN B 225 -9.93 11.57 37.55
N ASP B 226 -10.99 12.37 37.54
CA ASP B 226 -12.05 12.12 36.57
C ASP B 226 -11.58 12.48 35.18
N ALA B 227 -10.69 13.47 35.10
CA ALA B 227 -10.20 13.94 33.80
C ALA B 227 -9.30 12.89 33.19
N VAL B 228 -8.47 12.26 34.01
CA VAL B 228 -7.65 11.15 33.50
C VAL B 228 -8.49 9.89 33.24
N ASP B 229 -9.46 9.56 34.08
CA ASP B 229 -10.30 8.42 33.78
C ASP B 229 -11.04 8.66 32.48
N LYS B 230 -11.59 9.85 32.31
CA LYS B 230 -12.40 10.14 31.14
C LYS B 230 -11.55 10.10 29.91
N GLU B 231 -10.34 10.65 29.96
CA GLU B 231 -9.45 10.63 28.78
C GLU B 231 -8.97 9.23 28.44
N ALA B 232 -8.55 8.49 29.44
CA ALA B 232 -8.12 7.12 29.24
C ALA B 232 -9.23 6.41 28.49
N ASN B 233 -10.46 6.45 29.00
CA ASN B 233 -11.60 5.77 28.34
C ASN B 233 -11.85 6.22 26.91
N GLU B 234 -11.81 7.53 26.67
CA GLU B 234 -11.90 8.05 25.31
C GLU B 234 -10.90 7.33 24.47
N ILE B 235 -9.64 7.31 24.89
CA ILE B 235 -8.60 6.66 24.11
C ILE B 235 -8.80 5.17 23.93
N ARG B 236 -9.36 4.49 24.92
CA ARG B 236 -9.65 3.06 24.74
C ARG B 236 -10.88 2.75 23.87
N ASN B 237 -11.90 3.60 23.89
CA ASN B 237 -13.20 3.27 23.32
C ASN B 237 -13.57 4.05 22.08
N ASP B 238 -13.33 5.37 22.11
CA ASP B 238 -13.66 6.24 20.97
C ASP B 238 -12.91 5.74 19.76
N ASN B 239 -13.56 5.77 18.60
CA ASN B 239 -13.03 5.02 17.47
C ASN B 239 -12.13 5.86 16.58
N LYS B 240 -12.02 7.14 16.87
CA LYS B 240 -11.02 7.95 16.19
C LYS B 240 -9.65 7.37 16.52
N TYR B 241 -9.53 6.79 17.70
CA TYR B 241 -8.29 6.20 18.17
C TYR B 241 -7.98 4.80 17.67
N GLU B 242 -8.64 4.38 16.60
CA GLU B 242 -8.31 3.07 16.06
C GLU B 242 -7.23 3.18 15.00
N TRP B 243 -6.82 4.42 14.74
CA TRP B 243 -5.75 4.71 13.79
C TRP B 243 -4.57 5.36 14.52
N MET B 244 -3.36 4.94 14.19
CA MET B 244 -2.13 5.56 14.70
C MET B 244 -1.50 6.37 13.59
N PRO B 245 -1.59 7.72 13.70
CA PRO B 245 -1.04 8.61 12.66
C PRO B 245 0.46 8.60 12.75
N VAL B 246 1.17 8.88 11.65
CA VAL B 246 2.63 8.86 11.67
C VAL B 246 3.23 9.86 10.70
N GLY B 247 4.45 10.28 10.99
CA GLY B 247 5.23 11.06 10.04
C GLY B 247 6.71 10.72 10.13
N LYS B 248 7.39 10.84 9.00
CA LYS B 248 8.82 10.64 9.01
C LYS B 248 9.46 11.45 7.87
N VAL B 249 10.78 11.58 7.98
CA VAL B 249 11.58 12.25 6.95
C VAL B 249 12.95 11.57 6.88
N GLY B 250 13.67 11.72 5.78
CA GLY B 250 14.95 11.05 5.64
C GLY B 250 15.58 11.26 4.29
N VAL B 251 16.56 10.41 3.96
CA VAL B 251 17.33 10.55 2.74
C VAL B 251 17.38 9.25 1.95
N ASN B 252 17.25 9.35 0.63
CA ASN B 252 17.33 8.22 -0.29
C ASN B 252 18.69 8.21 -0.98
N PHE B 253 19.32 7.04 -1.07
CA PHE B 253 20.56 6.84 -1.83
C PHE B 253 20.23 5.76 -2.85
N TYR B 254 20.77 5.87 -4.07
CA TYR B 254 20.47 4.90 -5.14
C TYR B 254 21.77 4.41 -5.74
#